data_8D1Y
#
_entry.id   8D1Y
#
_cell.length_a   83.876
_cell.length_b   83.876
_cell.length_c   291.225
_cell.angle_alpha   90.00
_cell.angle_beta   90.00
_cell.angle_gamma   120.00
#
_symmetry.space_group_name_H-M   'P 65 2 2'
#
loop_
_entity.id
_entity.type
_entity.pdbx_description
1 polymer 'Chaperone DnaK'
2 non-polymer N-[(2E)-4-hydroxy-3-methylbut-2-en-1-yl]adenosine
3 non-polymer 'SULFATE ION'
4 water water
#
_entity_poly.entity_id   1
_entity_poly.type   'polypeptide(L)'
_entity_poly.pdbx_seq_one_letter_code
;MHHHHHHSSGRENLYFQGIEGPVIGIDLGTTYSCVGVFKNGRVEILNNELGNRITPSYVSFVDGERKVGEAAKLEATLHP
TQTVFDVKRLIGRKFDDQEVVKDRSLLPYEIVNNQGKPNIKVQIKDKDTTFAPEQISAMVLEKMKEIAQSFLGKPVKNAV
VTVPAYFNDAQRQATKDAGTIAGLNIVRIINEPTAAALAYGLDKKEETSILVYDLGGGTFDVSILVIDNGVFEVYATAGN
THLGGEDFDQRVMDYFIKMFKKKNNIDLRTDKRAIQKLRKEVEIAKRNLSVVHSTQIEIEDIVEGHNFSETLTRAKFEEL
NDDLFRETLEPVKKVLDDAKYEKSKIDEIVLVGGSTRIPKIQQIIKEFFNGKEPNRGINPDEAVAYGAAIQAGIILG
;
_entity_poly.pdbx_strand_id   A
#
loop_
_chem_comp.id
_chem_comp.type
_chem_comp.name
_chem_comp.formula
Q3V non-polymer N-[(2E)-4-hydroxy-3-methylbut-2-en-1-yl]adenosine 'C15 H21 N5 O5'
SO4 non-polymer 'SULFATE ION' 'O4 S -2'
#
# COMPACT_ATOMS: atom_id res chain seq x y z
N GLY A 21 -0.42 -12.13 -26.79
CA GLY A 21 -0.74 -10.67 -26.76
C GLY A 21 0.18 -9.93 -25.81
N PRO A 22 -0.25 -8.75 -25.28
CA PRO A 22 0.50 -8.06 -24.23
C PRO A 22 0.48 -8.76 -22.87
N VAL A 23 1.50 -8.44 -22.08
CA VAL A 23 1.62 -8.85 -20.66
C VAL A 23 1.85 -7.55 -19.90
N ILE A 24 0.94 -7.20 -19.00
CA ILE A 24 1.10 -5.94 -18.21
C ILE A 24 1.66 -6.29 -16.85
N GLY A 25 2.03 -5.29 -16.09
CA GLY A 25 2.60 -5.50 -14.75
C GLY A 25 1.71 -4.81 -13.72
N ILE A 26 1.26 -5.52 -12.69
CA ILE A 26 0.36 -4.89 -11.70
C ILE A 26 0.92 -5.12 -10.31
N ASP A 27 1.04 -4.04 -9.55
CA ASP A 27 1.31 -4.06 -8.11
C ASP A 27 -0.09 -4.10 -7.46
N LEU A 28 -0.47 -5.24 -6.92
CA LEU A 28 -1.75 -5.36 -6.17
C LEU A 28 -1.40 -5.13 -4.69
N GLY A 29 -1.46 -3.86 -4.25
CA GLY A 29 -0.96 -3.44 -2.94
C GLY A 29 -2.04 -3.62 -1.89
N THR A 30 -1.71 -3.52 -0.63
CA THR A 30 -2.76 -3.54 0.42
C THR A 30 -3.69 -2.35 0.29
N THR A 31 -3.17 -1.13 0.17
CA THR A 31 -3.97 0.11 0.19
C THR A 31 -4.21 0.60 -1.25
N TYR A 32 -3.32 0.31 -2.18
CA TYR A 32 -3.37 0.86 -3.54
C TYR A 32 -2.88 -0.18 -4.55
N SER A 33 -3.31 -0.06 -5.80
N SER A 33 -3.23 0.04 -5.79
CA SER A 33 -2.70 -0.80 -6.92
CA SER A 33 -2.72 -0.74 -6.94
C SER A 33 -2.09 0.19 -7.92
C SER A 33 -2.20 0.20 -8.03
N CYS A 34 -1.34 -0.33 -8.86
CA CYS A 34 -0.57 0.46 -9.84
C CYS A 34 -0.33 -0.45 -11.01
N VAL A 35 -0.51 0.05 -12.23
CA VAL A 35 -0.34 -0.76 -13.46
C VAL A 35 0.69 -0.08 -14.37
N GLY A 36 1.61 -0.89 -14.87
CA GLY A 36 2.55 -0.48 -15.92
C GLY A 36 2.42 -1.40 -17.13
N VAL A 37 2.81 -0.87 -18.29
CA VAL A 37 2.91 -1.58 -19.59
C VAL A 37 4.33 -1.35 -20.08
N PHE A 38 4.81 -2.30 -20.85
CA PHE A 38 6.15 -2.31 -21.46
C PHE A 38 5.93 -2.27 -22.96
N LYS A 39 6.32 -1.17 -23.59
CA LYS A 39 6.03 -0.97 -25.04
C LYS A 39 7.15 -0.10 -25.62
N ASN A 40 7.77 -0.53 -26.74
CA ASN A 40 8.80 0.26 -27.45
C ASN A 40 9.96 0.55 -26.51
N GLY A 41 10.34 -0.44 -25.70
CA GLY A 41 11.48 -0.35 -24.79
C GLY A 41 11.27 0.60 -23.61
N ARG A 42 10.03 1.05 -23.37
CA ARG A 42 9.66 1.99 -22.25
C ARG A 42 8.66 1.30 -21.34
N VAL A 43 8.80 1.48 -20.02
CA VAL A 43 7.71 1.14 -19.07
C VAL A 43 6.87 2.41 -18.91
N GLU A 44 5.58 2.35 -19.09
CA GLU A 44 4.72 3.51 -18.77
C GLU A 44 3.85 3.10 -17.57
N ILE A 45 3.91 3.84 -16.48
CA ILE A 45 2.93 3.65 -15.37
C ILE A 45 1.69 4.47 -15.76
N LEU A 46 0.52 3.83 -15.80
CA LEU A 46 -0.68 4.45 -16.43
C LEU A 46 -1.54 5.16 -15.39
N ASN A 47 -2.12 6.27 -15.83
CA ASN A 47 -3.10 7.06 -15.04
C ASN A 47 -4.45 6.35 -15.07
N ASN A 48 -5.15 6.39 -13.93
CA ASN A 48 -6.57 5.99 -13.89
C ASN A 48 -7.39 7.14 -14.51
N GLU A 49 -8.71 7.09 -14.37
CA GLU A 49 -9.66 8.01 -15.05
C GLU A 49 -9.57 9.35 -14.34
N LEU A 50 -9.13 9.40 -13.06
CA LEU A 50 -8.93 10.65 -12.29
C LEU A 50 -7.52 11.20 -12.47
N GLY A 51 -6.69 10.62 -13.32
CA GLY A 51 -5.36 11.21 -13.60
C GLY A 51 -4.30 10.78 -12.61
N ASN A 52 -4.48 9.68 -11.85
CA ASN A 52 -3.50 9.27 -10.80
C ASN A 52 -2.88 7.94 -11.18
N ARG A 53 -1.60 7.78 -10.83
CA ARG A 53 -0.81 6.58 -11.19
C ARG A 53 -0.98 5.50 -10.13
N ILE A 54 -1.53 5.80 -8.95
CA ILE A 54 -1.93 4.75 -7.99
C ILE A 54 -3.44 4.86 -7.72
N THR A 55 -4.08 3.71 -7.56
CA THR A 55 -5.55 3.58 -7.40
C THR A 55 -5.82 2.92 -6.06
N PRO A 56 -6.62 3.53 -5.17
CA PRO A 56 -6.98 2.90 -3.91
C PRO A 56 -7.64 1.54 -4.16
N SER A 57 -7.25 0.53 -3.37
CA SER A 57 -7.73 -0.85 -3.52
C SER A 57 -9.01 -0.96 -2.72
N TYR A 58 -10.01 -0.23 -3.19
CA TYR A 58 -11.34 -0.09 -2.54
C TYR A 58 -12.43 -0.47 -3.53
N VAL A 59 -13.43 -1.17 -3.03
CA VAL A 59 -14.65 -1.49 -3.82
C VAL A 59 -15.87 -1.18 -2.93
N SER A 60 -16.81 -0.37 -3.42
CA SER A 60 -18.05 -0.02 -2.66
C SER A 60 -19.30 -0.61 -3.35
N PHE A 61 -20.23 -1.04 -2.51
CA PHE A 61 -21.52 -1.65 -2.90
C PHE A 61 -22.65 -0.85 -2.26
N VAL A 62 -22.95 0.29 -2.84
CA VAL A 62 -23.90 1.27 -2.25
C VAL A 62 -24.98 1.56 -3.29
N ASP A 63 -26.25 1.49 -2.91
CA ASP A 63 -27.41 1.96 -3.72
C ASP A 63 -27.46 1.26 -5.06
N GLY A 64 -27.13 -0.04 -5.15
CA GLY A 64 -27.18 -0.74 -6.44
C GLY A 64 -26.07 -0.35 -7.43
N GLU A 65 -25.04 0.38 -7.03
CA GLU A 65 -23.88 0.64 -7.92
C GLU A 65 -22.64 0.01 -7.29
N ARG A 66 -21.70 -0.43 -8.10
CA ARG A 66 -20.41 -0.96 -7.63
C ARG A 66 -19.36 0.06 -8.06
N LYS A 67 -18.56 0.58 -7.15
CA LYS A 67 -17.48 1.49 -7.60
C LYS A 67 -16.14 0.87 -7.21
N VAL A 68 -15.07 1.25 -7.91
CA VAL A 68 -13.70 0.69 -7.64
C VAL A 68 -12.73 1.88 -7.67
N GLY A 69 -11.86 1.99 -6.67
CA GLY A 69 -10.82 3.01 -6.61
C GLY A 69 -11.22 4.17 -5.76
N GLU A 70 -10.88 5.37 -6.18
CA GLU A 70 -11.12 6.56 -5.36
C GLU A 70 -12.63 6.79 -5.15
N ALA A 71 -13.43 6.54 -6.15
CA ALA A 71 -14.88 6.76 -6.03
C ALA A 71 -15.42 5.85 -4.90
N ALA A 72 -14.90 4.62 -4.78
CA ALA A 72 -15.32 3.68 -3.70
C ALA A 72 -14.79 4.18 -2.36
N LYS A 73 -13.53 4.61 -2.29
CA LYS A 73 -12.93 5.06 -1.01
C LYS A 73 -13.76 6.22 -0.45
N LEU A 74 -14.26 7.08 -1.31
CA LEU A 74 -15.05 8.26 -0.86
C LEU A 74 -16.36 7.81 -0.19
N GLU A 75 -16.88 6.62 -0.53
CA GLU A 75 -18.12 6.05 0.08
C GLU A 75 -17.86 5.58 1.51
N ALA A 76 -16.61 5.39 1.92
CA ALA A 76 -16.27 4.77 3.21
C ALA A 76 -16.82 5.62 4.36
N THR A 77 -16.87 6.94 4.20
CA THR A 77 -17.26 7.85 5.29
C THR A 77 -18.72 7.63 5.67
N LEU A 78 -19.60 7.63 4.70
CA LEU A 78 -21.05 7.51 4.99
C LEU A 78 -21.50 6.06 4.88
N HIS A 79 -20.74 5.18 4.20
CA HIS A 79 -21.16 3.77 4.04
C HIS A 79 -20.04 2.81 4.42
N PRO A 80 -19.59 2.83 5.69
CA PRO A 80 -18.42 2.07 6.11
C PRO A 80 -18.66 0.56 5.97
N THR A 81 -19.92 0.08 6.09
CA THR A 81 -20.11 -1.39 6.10
C THR A 81 -20.15 -1.93 4.66
N GLN A 82 -20.29 -1.04 3.68
CA GLN A 82 -20.46 -1.39 2.26
C GLN A 82 -19.16 -1.12 1.49
N THR A 83 -18.11 -0.61 2.15
CA THR A 83 -16.92 -0.13 1.43
C THR A 83 -15.77 -1.04 1.84
N VAL A 84 -15.39 -1.92 0.92
CA VAL A 84 -14.45 -3.03 1.12
C VAL A 84 -13.05 -2.56 0.73
N PHE A 85 -12.10 -2.90 1.57
CA PHE A 85 -10.70 -2.47 1.39
C PHE A 85 -9.84 -3.43 2.18
N ASP A 86 -8.52 -3.34 1.99
CA ASP A 86 -7.56 -4.16 2.77
C ASP A 86 -7.84 -5.66 2.58
N VAL A 87 -8.43 -6.07 1.45
N VAL A 87 -8.43 -6.10 1.46
CA VAL A 87 -8.76 -7.51 1.23
CA VAL A 87 -8.75 -7.55 1.31
C VAL A 87 -7.46 -8.34 1.11
C VAL A 87 -7.46 -8.36 1.08
N LYS A 88 -6.35 -7.71 0.73
CA LYS A 88 -5.03 -8.38 0.68
C LYS A 88 -4.69 -8.98 2.05
N ARG A 89 -5.18 -8.41 3.15
CA ARG A 89 -4.95 -8.94 4.50
C ARG A 89 -5.68 -10.28 4.71
N LEU A 90 -6.70 -10.58 3.92
CA LEU A 90 -7.53 -11.80 4.11
C LEU A 90 -7.19 -12.88 3.10
N ILE A 91 -6.69 -12.50 1.94
CA ILE A 91 -6.63 -13.35 0.71
C ILE A 91 -5.77 -14.59 1.03
N GLY A 92 -6.32 -15.78 0.77
CA GLY A 92 -5.63 -17.05 0.95
C GLY A 92 -5.44 -17.42 2.41
N ARG A 93 -6.05 -16.71 3.36
CA ARG A 93 -5.87 -17.06 4.79
C ARG A 93 -7.08 -17.90 5.31
N LYS A 94 -7.02 -18.25 6.58
CA LYS A 94 -8.14 -18.95 7.28
C LYS A 94 -8.79 -17.99 8.26
N PHE A 95 -10.08 -18.22 8.52
CA PHE A 95 -10.91 -17.33 9.35
C PHE A 95 -10.34 -17.27 10.77
N ASP A 96 -9.83 -18.41 11.28
CA ASP A 96 -9.35 -18.50 12.67
C ASP A 96 -7.88 -18.08 12.76
N ASP A 97 -7.18 -17.75 11.67
CA ASP A 97 -5.77 -17.28 11.80
C ASP A 97 -5.75 -16.03 12.68
N GLN A 98 -4.73 -15.92 13.54
CA GLN A 98 -4.67 -14.81 14.54
C GLN A 98 -4.66 -13.47 13.80
N GLU A 99 -3.97 -13.36 12.66
CA GLU A 99 -3.99 -12.09 11.87
C GLU A 99 -5.42 -11.74 11.42
N VAL A 100 -6.23 -12.73 11.05
CA VAL A 100 -7.59 -12.50 10.45
C VAL A 100 -8.55 -12.12 11.58
N VAL A 101 -8.37 -12.74 12.75
CA VAL A 101 -9.11 -12.37 13.98
C VAL A 101 -8.88 -10.88 14.27
N LYS A 102 -7.63 -10.38 14.30
CA LYS A 102 -7.31 -8.96 14.55
C LYS A 102 -7.95 -8.09 13.44
N ASP A 103 -7.78 -8.50 12.19
CA ASP A 103 -8.32 -7.72 11.04
C ASP A 103 -9.85 -7.61 11.12
N ARG A 104 -10.56 -8.69 11.51
N ARG A 104 -10.55 -8.69 11.51
CA ARG A 104 -12.04 -8.64 11.66
CA ARG A 104 -12.02 -8.67 11.68
C ARG A 104 -12.41 -7.58 12.71
C ARG A 104 -12.40 -7.60 12.71
N SER A 105 -11.69 -7.53 13.84
CA SER A 105 -11.94 -6.51 14.89
C SER A 105 -11.62 -5.10 14.37
N LEU A 106 -10.76 -4.91 13.37
CA LEU A 106 -10.40 -3.54 12.88
C LEU A 106 -11.30 -3.13 11.71
N LEU A 107 -11.75 -4.07 10.90
CA LEU A 107 -12.39 -3.77 9.60
C LEU A 107 -13.90 -3.59 9.80
N PRO A 108 -14.51 -2.58 9.13
CA PRO A 108 -15.93 -2.24 9.40
C PRO A 108 -16.98 -3.02 8.60
N TYR A 109 -16.55 -3.70 7.55
CA TYR A 109 -17.45 -4.51 6.71
C TYR A 109 -17.47 -5.89 7.32
N GLU A 110 -18.59 -6.59 7.16
CA GLU A 110 -18.77 -7.92 7.77
C GLU A 110 -17.86 -8.96 7.10
N ILE A 111 -17.15 -9.73 7.93
CA ILE A 111 -16.34 -10.89 7.48
C ILE A 111 -16.92 -12.15 8.10
N VAL A 112 -17.27 -13.12 7.27
CA VAL A 112 -17.95 -14.36 7.70
C VAL A 112 -17.02 -15.52 7.42
N ASN A 113 -17.30 -16.60 8.12
CA ASN A 113 -16.53 -17.84 8.08
C ASN A 113 -17.19 -18.73 7.05
N ASN A 114 -16.60 -18.85 5.85
CA ASN A 114 -17.08 -19.77 4.80
C ASN A 114 -16.21 -21.01 4.81
N GLN A 115 -16.66 -22.06 5.50
CA GLN A 115 -15.96 -23.37 5.52
C GLN A 115 -14.49 -23.11 5.86
N GLY A 116 -14.23 -22.32 6.87
CA GLY A 116 -12.88 -22.13 7.40
C GLY A 116 -12.19 -20.89 6.85
N LYS A 117 -12.73 -20.27 5.80
CA LYS A 117 -12.05 -19.13 5.09
C LYS A 117 -12.83 -17.83 5.25
N PRO A 118 -12.15 -16.66 5.34
CA PRO A 118 -12.83 -15.39 5.51
C PRO A 118 -13.50 -15.05 4.19
N ASN A 119 -14.76 -14.65 4.25
CA ASN A 119 -15.45 -14.07 3.09
C ASN A 119 -16.01 -12.71 3.53
N ILE A 120 -16.29 -11.86 2.56
CA ILE A 120 -16.73 -10.47 2.83
C ILE A 120 -18.24 -10.49 2.55
N LYS A 121 -19.04 -9.95 3.45
CA LYS A 121 -20.50 -9.87 3.21
C LYS A 121 -20.91 -8.41 3.21
N VAL A 122 -21.61 -8.03 2.16
CA VAL A 122 -22.15 -6.69 1.95
C VAL A 122 -23.59 -6.86 1.42
N GLN A 123 -24.23 -5.75 1.16
CA GLN A 123 -25.56 -5.77 0.54
C GLN A 123 -25.49 -5.12 -0.82
N ILE A 124 -26.19 -5.74 -1.76
CA ILE A 124 -26.42 -5.15 -3.10
C ILE A 124 -27.92 -5.05 -3.30
N LYS A 125 -28.45 -3.83 -3.37
CA LYS A 125 -29.93 -3.59 -3.39
C LYS A 125 -30.57 -4.37 -2.22
N ASP A 126 -29.95 -4.25 -1.05
CA ASP A 126 -30.41 -4.81 0.25
C ASP A 126 -30.18 -6.31 0.36
N LYS A 127 -29.76 -6.99 -0.71
CA LYS A 127 -29.57 -8.45 -0.68
C LYS A 127 -28.19 -8.75 -0.10
N ASP A 128 -28.14 -9.68 0.83
CA ASP A 128 -26.86 -10.17 1.37
C ASP A 128 -26.09 -10.86 0.23
N THR A 129 -24.82 -10.50 0.07
CA THR A 129 -23.97 -11.02 -1.02
C THR A 129 -22.61 -11.25 -0.41
N THR A 130 -22.07 -12.45 -0.60
N THR A 130 -22.11 -12.48 -0.51
CA THR A 130 -20.83 -12.87 0.07
CA THR A 130 -20.80 -12.82 0.06
C THR A 130 -19.76 -13.18 -0.98
C THR A 130 -19.83 -12.96 -1.11
N PHE A 131 -18.61 -12.51 -0.87
CA PHE A 131 -17.47 -12.58 -1.81
C PHE A 131 -16.27 -13.19 -1.11
N ALA A 132 -15.59 -14.06 -1.86
CA ALA A 132 -14.22 -14.44 -1.51
C ALA A 132 -13.34 -13.19 -1.66
N PRO A 133 -12.25 -13.10 -0.89
CA PRO A 133 -11.27 -12.03 -1.11
C PRO A 133 -10.84 -11.89 -2.58
N GLU A 134 -10.60 -13.00 -3.27
CA GLU A 134 -10.09 -13.00 -4.65
C GLU A 134 -11.14 -12.39 -5.56
N GLN A 135 -12.43 -12.49 -5.22
CA GLN A 135 -13.48 -11.87 -6.07
C GLN A 135 -13.41 -10.34 -5.95
N ILE A 136 -13.08 -9.82 -4.77
CA ILE A 136 -12.92 -8.35 -4.57
C ILE A 136 -11.60 -7.93 -5.22
N SER A 137 -10.51 -8.66 -4.97
CA SER A 137 -9.22 -8.36 -5.67
C SER A 137 -9.37 -8.43 -7.18
N ALA A 138 -10.19 -9.33 -7.72
CA ALA A 138 -10.46 -9.40 -9.17
C ALA A 138 -11.06 -8.08 -9.66
N MET A 139 -11.89 -7.42 -8.84
CA MET A 139 -12.54 -6.18 -9.32
C MET A 139 -11.45 -5.11 -9.47
N VAL A 140 -10.50 -5.10 -8.56
CA VAL A 140 -9.36 -4.14 -8.61
C VAL A 140 -8.53 -4.46 -9.85
N LEU A 141 -8.24 -5.74 -10.07
CA LEU A 141 -7.41 -6.18 -11.22
C LEU A 141 -8.12 -5.82 -12.52
N GLU A 142 -9.45 -5.94 -12.56
CA GLU A 142 -10.23 -5.69 -13.77
C GLU A 142 -10.07 -4.21 -14.11
N LYS A 143 -10.14 -3.34 -13.12
CA LYS A 143 -10.00 -1.88 -13.33
C LYS A 143 -8.58 -1.58 -13.85
N MET A 144 -7.57 -2.22 -13.31
CA MET A 144 -6.15 -2.01 -13.78
C MET A 144 -6.02 -2.52 -15.22
N LYS A 145 -6.66 -3.65 -15.52
CA LYS A 145 -6.71 -4.28 -16.85
C LYS A 145 -7.32 -3.31 -17.86
N GLU A 146 -8.48 -2.75 -17.52
CA GLU A 146 -9.19 -1.75 -18.37
C GLU A 146 -8.30 -0.54 -18.63
N ILE A 147 -7.56 -0.02 -17.65
CA ILE A 147 -6.64 1.10 -17.91
C ILE A 147 -5.65 0.66 -19.00
N ALA A 148 -5.04 -0.53 -18.86
CA ALA A 148 -4.04 -1.02 -19.84
C ALA A 148 -4.68 -1.17 -21.23
N GLN A 149 -5.87 -1.76 -21.29
CA GLN A 149 -6.62 -1.95 -22.57
C GLN A 149 -6.87 -0.63 -23.30
N SER A 150 -7.31 0.40 -22.60
CA SER A 150 -7.62 1.72 -23.22
C SER A 150 -6.33 2.29 -23.78
N PHE A 151 -5.25 2.15 -23.03
CA PHE A 151 -3.94 2.74 -23.39
C PHE A 151 -3.36 1.98 -24.58
N LEU A 152 -3.37 0.66 -24.55
CA LEU A 152 -2.72 -0.15 -25.60
C LEU A 152 -3.65 -0.25 -26.84
N GLY A 153 -4.92 0.14 -26.70
CA GLY A 153 -6.01 -0.07 -27.68
C GLY A 153 -6.12 -1.51 -28.14
N LYS A 154 -6.07 -2.47 -27.21
CA LYS A 154 -6.27 -3.90 -27.53
C LYS A 154 -6.57 -4.66 -26.24
N PRO A 155 -7.15 -5.87 -26.33
CA PRO A 155 -7.41 -6.65 -25.13
C PRO A 155 -6.11 -7.10 -24.47
N VAL A 156 -6.15 -7.19 -23.15
CA VAL A 156 -5.06 -7.76 -22.31
C VAL A 156 -5.56 -9.00 -21.59
N LYS A 157 -4.85 -10.11 -21.71
CA LYS A 157 -5.26 -11.43 -21.18
C LYS A 157 -4.19 -11.97 -20.25
N ASN A 158 -3.07 -11.24 -20.11
CA ASN A 158 -1.90 -11.79 -19.38
C ASN A 158 -1.25 -10.66 -18.53
N ALA A 159 -0.71 -11.02 -17.38
CA ALA A 159 -0.10 -10.03 -16.46
C ALA A 159 0.98 -10.68 -15.67
N VAL A 160 1.91 -9.87 -15.19
CA VAL A 160 2.76 -10.21 -14.02
C VAL A 160 2.11 -9.48 -12.85
N VAL A 161 1.88 -10.18 -11.74
CA VAL A 161 1.31 -9.58 -10.51
C VAL A 161 2.26 -9.84 -9.35
N THR A 162 2.43 -8.85 -8.51
CA THR A 162 3.34 -8.93 -7.37
C THR A 162 2.60 -9.40 -6.13
N VAL A 163 3.33 -10.05 -5.25
CA VAL A 163 2.91 -10.39 -3.87
C VAL A 163 4.02 -10.09 -2.89
N PRO A 164 3.68 -9.99 -1.60
CA PRO A 164 4.68 -9.92 -0.55
C PRO A 164 5.55 -11.20 -0.51
N ALA A 165 6.84 -11.01 -0.21
CA ALA A 165 7.80 -12.12 -0.19
C ALA A 165 7.30 -13.20 0.82
N TYR A 166 6.54 -12.82 1.83
CA TYR A 166 6.14 -13.77 2.92
C TYR A 166 4.86 -14.51 2.52
N PHE A 167 4.22 -14.17 1.39
CA PHE A 167 3.01 -14.92 0.94
C PHE A 167 3.35 -16.42 0.76
N ASN A 168 2.44 -17.27 1.24
CA ASN A 168 2.57 -18.75 1.12
C ASN A 168 1.88 -19.18 -0.17
N ASP A 169 1.85 -20.49 -0.44
CA ASP A 169 1.29 -21.01 -1.69
C ASP A 169 -0.19 -20.65 -1.80
N ALA A 170 -0.93 -20.71 -0.68
CA ALA A 170 -2.39 -20.46 -0.70
C ALA A 170 -2.66 -18.99 -1.05
N GLN A 171 -1.85 -18.11 -0.47
CA GLN A 171 -1.96 -16.66 -0.71
C GLN A 171 -1.63 -16.38 -2.19
N ARG A 172 -0.55 -16.96 -2.74
CA ARG A 172 -0.16 -16.81 -4.16
C ARG A 172 -1.25 -17.37 -5.05
N GLN A 173 -1.75 -18.56 -4.72
CA GLN A 173 -2.78 -19.19 -5.58
C GLN A 173 -4.04 -18.31 -5.58
N ALA A 174 -4.46 -17.80 -4.41
CA ALA A 174 -5.67 -16.96 -4.32
C ALA A 174 -5.48 -15.71 -5.19
N THR A 175 -4.27 -15.16 -5.22
CA THR A 175 -3.94 -14.00 -6.06
C THR A 175 -4.04 -14.42 -7.53
N LYS A 176 -3.49 -15.58 -7.90
CA LYS A 176 -3.65 -16.08 -9.28
C LYS A 176 -5.14 -16.23 -9.61
N ASP A 177 -5.93 -16.75 -8.68
CA ASP A 177 -7.39 -16.96 -8.90
C ASP A 177 -8.07 -15.60 -9.11
N ALA A 178 -7.66 -14.56 -8.36
CA ALA A 178 -8.17 -13.18 -8.60
C ALA A 178 -7.93 -12.80 -10.06
N GLY A 179 -6.74 -13.07 -10.57
CA GLY A 179 -6.40 -12.79 -11.99
C GLY A 179 -7.35 -13.51 -12.95
N THR A 180 -7.54 -14.81 -12.74
CA THR A 180 -8.42 -15.66 -13.61
C THR A 180 -9.83 -15.05 -13.61
N ILE A 181 -10.34 -14.67 -12.43
CA ILE A 181 -11.70 -14.04 -12.33
C ILE A 181 -11.72 -12.76 -13.15
N ALA A 182 -10.64 -12.00 -13.13
CA ALA A 182 -10.57 -10.71 -13.86
C ALA A 182 -10.29 -10.91 -15.36
N GLY A 183 -10.20 -12.15 -15.84
CA GLY A 183 -9.87 -12.47 -17.25
C GLY A 183 -8.38 -12.26 -17.55
N LEU A 184 -7.53 -12.35 -16.53
CA LEU A 184 -6.05 -12.26 -16.65
C LEU A 184 -5.44 -13.62 -16.35
N ASN A 185 -4.61 -14.11 -17.25
CA ASN A 185 -3.71 -15.22 -16.91
C ASN A 185 -2.49 -14.58 -16.24
N ILE A 186 -2.23 -14.92 -14.99
CA ILE A 186 -1.05 -14.38 -14.25
C ILE A 186 0.12 -15.29 -14.62
N VAL A 187 0.88 -14.86 -15.61
CA VAL A 187 1.95 -15.67 -16.26
C VAL A 187 3.09 -15.84 -15.24
N ARG A 188 3.22 -14.93 -14.28
CA ARG A 188 4.23 -15.03 -13.21
C ARG A 188 3.80 -14.16 -12.03
N ILE A 189 3.95 -14.72 -10.84
CA ILE A 189 3.83 -13.99 -9.57
C ILE A 189 5.29 -13.68 -9.21
N ILE A 190 5.66 -12.43 -8.96
CA ILE A 190 7.00 -12.18 -8.40
C ILE A 190 6.81 -11.44 -7.09
N ASN A 191 7.78 -11.56 -6.21
CA ASN A 191 7.68 -10.88 -4.93
C ASN A 191 8.04 -9.40 -5.08
N GLU A 192 7.42 -8.59 -4.24
CA GLU A 192 7.53 -7.11 -4.19
C GLU A 192 8.99 -6.69 -4.04
N PRO A 193 9.83 -7.29 -3.21
CA PRO A 193 11.25 -6.89 -3.20
C PRO A 193 12.02 -7.12 -4.51
N THR A 194 11.72 -8.21 -5.22
CA THR A 194 12.35 -8.56 -6.50
C THR A 194 11.89 -7.51 -7.51
N ALA A 195 10.59 -7.21 -7.52
CA ALA A 195 10.03 -6.20 -8.45
C ALA A 195 10.74 -4.84 -8.25
N ALA A 196 10.95 -4.43 -7.00
CA ALA A 196 11.65 -3.15 -6.71
C ALA A 196 13.10 -3.24 -7.25
N ALA A 197 13.78 -4.35 -7.00
CA ALA A 197 15.18 -4.55 -7.45
C ALA A 197 15.26 -4.47 -8.97
N LEU A 198 14.28 -5.01 -9.69
CA LEU A 198 14.25 -4.90 -11.16
C LEU A 198 14.08 -3.42 -11.52
N ALA A 199 13.19 -2.72 -10.82
CA ALA A 199 12.84 -1.34 -11.21
C ALA A 199 14.09 -0.47 -11.06
N TYR A 200 14.84 -0.64 -9.98
CA TYR A 200 16.05 0.15 -9.68
C TYR A 200 17.24 -0.33 -10.51
N GLY A 201 17.09 -1.42 -11.26
CA GLY A 201 18.14 -1.89 -12.18
C GLY A 201 19.30 -2.46 -11.42
N LEU A 202 19.05 -3.02 -10.24
CA LEU A 202 20.18 -3.47 -9.39
C LEU A 202 21.00 -4.48 -10.20
N ASP A 203 22.32 -4.28 -10.25
CA ASP A 203 23.28 -5.10 -11.05
C ASP A 203 23.09 -6.59 -10.67
N LYS A 204 22.77 -7.42 -11.65
CA LYS A 204 22.46 -8.86 -11.44
C LYS A 204 23.73 -9.71 -11.39
N LYS A 205 24.89 -9.19 -11.82
CA LYS A 205 26.19 -9.93 -11.85
C LYS A 205 26.73 -10.07 -10.41
N GLU A 206 27.45 -11.14 -10.11
CA GLU A 206 28.12 -11.33 -8.79
C GLU A 206 27.01 -11.47 -7.75
N GLU A 207 27.38 -11.27 -6.48
CA GLU A 207 26.45 -11.45 -5.36
C GLU A 207 26.31 -10.09 -4.65
N THR A 208 25.06 -9.65 -4.47
CA THR A 208 24.74 -8.40 -3.72
C THR A 208 23.68 -8.75 -2.67
N SER A 209 23.85 -8.31 -1.42
CA SER A 209 22.79 -8.40 -0.38
C SER A 209 22.11 -7.03 -0.25
N ILE A 210 20.77 -7.01 -0.37
CA ILE A 210 19.98 -5.76 -0.41
C ILE A 210 18.97 -5.83 0.74
N LEU A 211 18.86 -4.73 1.50
CA LEU A 211 17.77 -4.53 2.47
C LEU A 211 16.67 -3.76 1.78
N VAL A 212 15.51 -4.39 1.51
CA VAL A 212 14.37 -3.72 0.87
C VAL A 212 13.46 -3.25 2.03
N TYR A 213 13.35 -1.93 2.19
CA TYR A 213 12.58 -1.28 3.29
C TYR A 213 11.37 -0.67 2.61
N ASP A 214 10.20 -1.28 2.83
CA ASP A 214 8.97 -0.99 2.10
C ASP A 214 7.94 -0.48 3.10
N LEU A 215 7.75 0.84 3.15
CA LEU A 215 6.84 1.51 4.10
C LEU A 215 5.74 2.18 3.26
N GLY A 216 4.58 1.56 3.23
CA GLY A 216 3.45 2.00 2.40
C GLY A 216 2.48 2.82 3.20
N GLY A 217 1.22 2.81 2.77
CA GLY A 217 0.10 3.51 3.45
C GLY A 217 -0.38 2.71 4.66
N GLY A 218 -0.39 1.38 4.63
CA GLY A 218 -0.93 0.61 5.77
C GLY A 218 0.04 -0.38 6.37
N THR A 219 1.08 -0.79 5.64
CA THR A 219 1.94 -1.94 6.03
C THR A 219 3.40 -1.56 5.90
N PHE A 220 4.19 -2.22 6.71
CA PHE A 220 5.66 -2.11 6.70
C PHE A 220 6.21 -3.51 6.45
N ASP A 221 7.09 -3.65 5.46
CA ASP A 221 7.76 -4.94 5.15
C ASP A 221 9.24 -4.69 4.99
N VAL A 222 10.09 -5.54 5.57
CA VAL A 222 11.55 -5.47 5.33
C VAL A 222 11.96 -6.85 4.83
N SER A 223 12.84 -6.88 3.84
CA SER A 223 13.28 -8.15 3.20
C SER A 223 14.79 -8.06 3.05
N ILE A 224 15.49 -9.16 3.25
CA ILE A 224 16.88 -9.26 2.76
C ILE A 224 16.81 -10.03 1.44
N LEU A 225 17.14 -9.35 0.38
CA LEU A 225 17.09 -9.89 -0.97
C LEU A 225 18.54 -10.10 -1.39
N VAL A 226 18.88 -11.29 -1.84
CA VAL A 226 20.23 -11.58 -2.37
C VAL A 226 20.10 -11.78 -3.86
N ILE A 227 20.93 -11.07 -4.64
CA ILE A 227 20.96 -11.21 -6.09
C ILE A 227 22.29 -11.89 -6.39
N ASP A 228 22.26 -13.01 -7.10
CA ASP A 228 23.48 -13.81 -7.32
C ASP A 228 23.45 -14.22 -8.79
N ASN A 229 24.22 -13.53 -9.64
CA ASN A 229 24.36 -13.91 -11.07
C ASN A 229 22.97 -14.02 -11.65
N GLY A 230 22.09 -13.07 -11.34
CA GLY A 230 20.77 -12.95 -11.97
C GLY A 230 19.68 -13.71 -11.25
N VAL A 231 20.03 -14.49 -10.22
CA VAL A 231 19.05 -15.25 -9.41
C VAL A 231 18.73 -14.45 -8.16
N PHE A 232 17.44 -14.19 -7.97
CA PHE A 232 16.93 -13.40 -6.82
C PHE A 232 16.37 -14.36 -5.77
N GLU A 233 16.74 -14.14 -4.53
CA GLU A 233 16.28 -14.96 -3.39
C GLU A 233 16.08 -14.02 -2.22
N VAL A 234 14.89 -14.08 -1.63
CA VAL A 234 14.61 -13.38 -0.35
C VAL A 234 14.97 -14.34 0.78
N TYR A 235 16.06 -14.04 1.46
CA TYR A 235 16.65 -14.83 2.56
C TYR A 235 15.82 -14.69 3.84
N ALA A 236 15.15 -13.56 4.06
CA ALA A 236 14.45 -13.35 5.34
C ALA A 236 13.46 -12.20 5.13
N THR A 237 12.34 -12.25 5.82
CA THR A 237 11.30 -11.21 5.80
C THR A 237 10.85 -10.93 7.21
N ALA A 238 10.47 -9.68 7.46
CA ALA A 238 9.81 -9.29 8.75
C ALA A 238 9.06 -7.99 8.50
N GLY A 239 8.21 -7.60 9.42
CA GLY A 239 7.49 -6.34 9.21
C GLY A 239 6.54 -6.09 10.36
N ASN A 240 5.64 -5.18 10.07
CA ASN A 240 4.56 -4.71 10.95
C ASN A 240 3.36 -4.48 10.04
N THR A 241 2.37 -5.32 10.18
CA THR A 241 1.22 -5.38 9.24
C THR A 241 0.31 -4.17 9.51
N HIS A 242 0.48 -3.43 10.61
CA HIS A 242 -0.39 -2.27 10.94
C HIS A 242 0.47 -1.05 11.26
N LEU A 243 1.40 -0.75 10.36
CA LEU A 243 2.25 0.45 10.50
C LEU A 243 2.48 0.99 9.09
N GLY A 244 1.98 2.19 8.81
CA GLY A 244 2.22 2.88 7.54
C GLY A 244 1.89 4.34 7.61
N GLY A 245 1.93 5.00 6.46
CA GLY A 245 1.71 6.45 6.41
C GLY A 245 0.36 6.82 7.01
N GLU A 246 -0.66 5.95 6.88
CA GLU A 246 -2.02 6.27 7.40
C GLU A 246 -1.91 6.44 8.93
N ASP A 247 -1.05 5.68 9.59
CA ASP A 247 -0.87 5.75 11.05
C ASP A 247 -0.28 7.11 11.41
N PHE A 248 0.65 7.64 10.59
CA PHE A 248 1.32 8.95 10.83
C PHE A 248 0.27 10.03 10.68
N ASP A 249 -0.60 9.91 9.69
CA ASP A 249 -1.71 10.88 9.52
C ASP A 249 -2.60 10.82 10.76
N GLN A 250 -2.90 9.62 11.24
CA GLN A 250 -3.80 9.49 12.42
C GLN A 250 -3.17 10.14 13.67
N ARG A 251 -1.86 10.11 13.86
CA ARG A 251 -1.20 10.75 15.00
C ARG A 251 -1.44 12.26 14.90
N VAL A 252 -1.36 12.79 13.69
CA VAL A 252 -1.58 14.23 13.46
C VAL A 252 -3.06 14.58 13.70
N MET A 253 -3.97 13.76 13.17
N MET A 253 -3.98 13.76 13.21
CA MET A 253 -5.44 13.88 13.36
CA MET A 253 -5.42 14.03 13.39
C MET A 253 -5.74 13.98 14.85
C MET A 253 -5.74 14.00 14.89
N ASP A 254 -5.19 13.04 15.63
CA ASP A 254 -5.44 12.91 17.09
C ASP A 254 -5.05 14.22 17.79
N TYR A 255 -3.89 14.75 17.44
CA TYR A 255 -3.35 15.99 18.01
C TYR A 255 -4.26 17.19 17.69
N PHE A 256 -4.67 17.38 16.43
CA PHE A 256 -5.49 18.56 16.07
C PHE A 256 -6.95 18.38 16.53
N ILE A 257 -7.43 17.16 16.64
CA ILE A 257 -8.76 16.93 17.26
C ILE A 257 -8.71 17.40 18.71
N LYS A 258 -7.67 17.06 19.45
CA LYS A 258 -7.54 17.54 20.84
C LYS A 258 -7.48 19.06 20.84
N MET A 259 -6.68 19.65 19.95
CA MET A 259 -6.45 21.09 20.01
C MET A 259 -7.80 21.78 19.67
N PHE A 260 -8.50 21.33 18.65
CA PHE A 260 -9.72 22.02 18.20
C PHE A 260 -10.77 21.96 19.30
N LYS A 261 -10.79 20.87 20.06
CA LYS A 261 -11.69 20.70 21.24
C LYS A 261 -11.30 21.71 22.31
N LYS A 262 -9.99 21.87 22.58
CA LYS A 262 -9.53 22.82 23.62
C LYS A 262 -9.99 24.21 23.26
N LYS A 263 -9.81 24.61 21.99
CA LYS A 263 -9.99 26.02 21.59
C LYS A 263 -11.47 26.31 21.37
N ASN A 264 -12.20 25.35 20.84
CA ASN A 264 -13.53 25.61 20.25
C ASN A 264 -14.68 24.84 20.93
N ASN A 265 -14.39 23.95 21.85
CA ASN A 265 -15.42 23.08 22.50
C ASN A 265 -16.19 22.29 21.44
N ILE A 266 -15.50 21.93 20.35
CA ILE A 266 -16.06 21.02 19.32
C ILE A 266 -15.15 19.82 19.21
N ASP A 267 -15.72 18.62 19.39
CA ASP A 267 -15.00 17.35 19.20
C ASP A 267 -15.27 16.92 17.76
N LEU A 268 -14.29 17.03 16.87
CA LEU A 268 -14.56 16.85 15.43
C LEU A 268 -14.98 15.39 15.17
N ARG A 269 -14.63 14.47 16.06
CA ARG A 269 -15.00 13.05 15.89
C ARG A 269 -16.53 12.87 15.89
N THR A 270 -17.29 13.86 16.32
CA THR A 270 -18.78 13.84 16.34
C THR A 270 -19.32 14.03 14.94
N ASP A 271 -18.49 14.42 13.98
CA ASP A 271 -19.01 14.65 12.61
C ASP A 271 -18.09 13.88 11.65
N LYS A 272 -18.57 12.79 11.09
CA LYS A 272 -17.79 11.92 10.18
C LYS A 272 -17.26 12.70 8.97
N ARG A 273 -18.05 13.61 8.42
CA ARG A 273 -17.68 14.43 7.24
C ARG A 273 -16.52 15.36 7.61
N ALA A 274 -16.53 15.88 8.83
CA ALA A 274 -15.45 16.77 9.28
C ALA A 274 -14.16 15.96 9.36
N ILE A 275 -14.19 14.74 9.90
CA ILE A 275 -13.00 13.85 10.02
C ILE A 275 -12.45 13.57 8.62
N GLN A 276 -13.33 13.28 7.65
CA GLN A 276 -12.93 12.93 6.26
C GLN A 276 -12.18 14.16 5.68
N LYS A 277 -12.72 15.35 5.89
CA LYS A 277 -12.09 16.57 5.31
C LYS A 277 -10.74 16.80 5.97
N LEU A 278 -10.65 16.60 7.29
CA LEU A 278 -9.39 16.78 8.06
C LEU A 278 -8.35 15.79 7.57
N ARG A 279 -8.70 14.50 7.42
CA ARG A 279 -7.75 13.44 7.00
C ARG A 279 -7.14 13.84 5.65
N LYS A 280 -7.94 14.35 4.70
CA LYS A 280 -7.42 14.68 3.35
C LYS A 280 -6.40 15.83 3.44
N GLU A 281 -6.67 16.85 4.25
CA GLU A 281 -5.74 18.01 4.40
C GLU A 281 -4.53 17.59 5.21
N VAL A 282 -4.68 16.72 6.22
CA VAL A 282 -3.52 16.25 7.02
C VAL A 282 -2.54 15.45 6.17
N GLU A 283 -3.04 14.60 5.28
CA GLU A 283 -2.19 13.82 4.35
C GLU A 283 -1.40 14.79 3.44
N ILE A 284 -2.04 15.82 2.93
CA ILE A 284 -1.36 16.85 2.10
C ILE A 284 -0.29 17.56 2.93
N ALA A 285 -0.62 17.95 4.17
CA ALA A 285 0.32 18.67 5.03
C ALA A 285 1.52 17.79 5.29
N LYS A 286 1.28 16.53 5.62
CA LYS A 286 2.37 15.58 5.84
C LYS A 286 3.31 15.55 4.63
N ARG A 287 2.76 15.47 3.42
CA ARG A 287 3.62 15.41 2.20
C ARG A 287 4.42 16.72 2.05
N ASN A 288 3.77 17.87 2.24
CA ASN A 288 4.46 19.20 2.24
C ASN A 288 5.61 19.19 3.21
N LEU A 289 5.44 18.59 4.39
CA LEU A 289 6.49 18.60 5.43
C LEU A 289 7.68 17.68 5.08
N SER A 290 7.61 16.89 4.03
CA SER A 290 8.83 16.20 3.51
C SER A 290 9.71 17.23 2.76
N VAL A 291 9.17 18.37 2.38
CA VAL A 291 9.86 19.37 1.49
C VAL A 291 10.13 20.65 2.31
N VAL A 292 9.12 21.14 3.04
CA VAL A 292 9.17 22.43 3.81
C VAL A 292 9.10 22.18 5.30
N HIS A 293 9.33 23.21 6.10
CA HIS A 293 9.45 23.08 7.58
C HIS A 293 8.10 23.37 8.24
N SER A 294 7.23 24.10 7.57
N SER A 294 7.24 24.10 7.54
CA SER A 294 5.95 24.54 8.14
CA SER A 294 5.96 24.65 8.05
C SER A 294 4.92 24.61 7.03
C SER A 294 4.90 24.62 6.97
N THR A 295 3.69 24.22 7.32
CA THR A 295 2.58 24.20 6.35
C THR A 295 1.29 24.51 7.06
N GLN A 296 0.35 25.10 6.32
CA GLN A 296 -0.98 25.46 6.83
C GLN A 296 -1.96 24.34 6.49
N ILE A 297 -2.80 23.96 7.44
CA ILE A 297 -3.94 23.03 7.22
C ILE A 297 -5.21 23.86 7.34
N GLU A 298 -5.91 24.04 6.24
CA GLU A 298 -7.07 24.94 6.20
C GLU A 298 -8.27 24.20 5.62
N ILE A 299 -9.40 24.24 6.33
CA ILE A 299 -10.73 23.74 5.89
C ILE A 299 -11.74 24.80 6.29
N GLU A 300 -12.36 25.46 5.31
CA GLU A 300 -13.46 26.39 5.56
C GLU A 300 -14.67 25.56 6.05
N ASP A 301 -15.29 25.98 7.12
CA ASP A 301 -16.55 25.37 7.65
C ASP A 301 -16.34 23.88 7.82
N ILE A 302 -15.29 23.50 8.52
CA ILE A 302 -15.04 22.05 8.79
C ILE A 302 -16.31 21.47 9.43
N VAL A 303 -16.94 22.24 10.30
CA VAL A 303 -18.41 22.13 10.56
C VAL A 303 -18.99 23.52 10.30
N GLU A 304 -20.30 23.62 10.24
CA GLU A 304 -20.93 24.89 9.79
C GLU A 304 -20.55 26.01 10.77
N GLY A 305 -20.01 27.10 10.26
CA GLY A 305 -19.69 28.27 11.08
C GLY A 305 -18.37 28.18 11.83
N HIS A 306 -17.56 27.15 11.57
CA HIS A 306 -16.25 26.99 12.24
C HIS A 306 -15.21 26.52 11.22
N ASN A 307 -14.23 27.39 10.95
CA ASN A 307 -13.08 27.11 10.07
C ASN A 307 -12.06 26.30 10.89
N PHE A 308 -11.28 25.50 10.21
CA PHE A 308 -10.08 24.87 10.74
C PHE A 308 -8.92 25.58 10.08
N SER A 309 -8.03 26.11 10.90
CA SER A 309 -6.83 26.80 10.41
C SER A 309 -5.71 26.57 11.39
N GLU A 310 -4.75 25.73 11.04
CA GLU A 310 -3.64 25.33 11.92
C GLU A 310 -2.34 25.33 11.13
N THR A 311 -1.26 25.52 11.84
CA THR A 311 0.09 25.32 11.30
C THR A 311 0.64 24.03 11.88
N LEU A 312 1.26 23.22 11.04
CA LEU A 312 2.02 22.05 11.47
C LEU A 312 3.45 22.23 10.99
N THR A 313 4.41 22.01 11.88
CA THR A 313 5.86 22.02 11.60
C THR A 313 6.34 20.60 11.35
N ARG A 314 7.45 20.50 10.64
CA ARG A 314 8.13 19.21 10.51
C ARG A 314 8.49 18.68 11.92
N ALA A 315 8.98 19.54 12.81
CA ALA A 315 9.43 19.09 14.14
C ALA A 315 8.26 18.45 14.89
N LYS A 316 7.08 19.07 14.82
CA LYS A 316 5.91 18.50 15.54
C LYS A 316 5.42 17.23 14.84
N PHE A 317 5.35 17.26 13.51
CA PHE A 317 5.07 16.03 12.71
C PHE A 317 5.97 14.89 13.20
N GLU A 318 7.29 15.12 13.33
CA GLU A 318 8.26 14.08 13.77
C GLU A 318 8.03 13.68 15.23
N GLU A 319 7.77 14.66 16.10
CA GLU A 319 7.55 14.37 17.52
C GLU A 319 6.31 13.48 17.66
N LEU A 320 5.26 13.74 16.90
CA LEU A 320 3.98 13.01 17.04
C LEU A 320 4.15 11.55 16.59
N ASN A 321 5.21 11.23 15.83
CA ASN A 321 5.37 9.93 15.13
C ASN A 321 6.71 9.25 15.45
N ASP A 322 7.52 9.86 16.29
CA ASP A 322 8.93 9.41 16.49
C ASP A 322 8.96 7.94 16.92
N ASP A 323 8.09 7.54 17.85
CA ASP A 323 8.02 6.14 18.32
C ASP A 323 7.68 5.20 17.15
N LEU A 324 6.75 5.57 16.26
CA LEU A 324 6.37 4.70 15.12
C LEU A 324 7.53 4.65 14.16
N PHE A 325 8.16 5.80 13.87
CA PHE A 325 9.34 5.80 12.97
C PHE A 325 10.36 4.78 13.52
N ARG A 326 10.69 4.85 14.81
CA ARG A 326 11.76 4.04 15.46
C ARG A 326 11.34 2.56 15.48
N GLU A 327 10.04 2.30 15.55
CA GLU A 327 9.47 0.93 15.53
C GLU A 327 9.91 0.20 14.26
N THR A 328 10.04 0.91 13.16
CA THR A 328 10.39 0.28 11.86
C THR A 328 11.75 -0.41 11.97
N LEU A 329 12.61 -0.02 12.92
CA LEU A 329 13.94 -0.67 13.04
C LEU A 329 13.83 -2.05 13.66
N GLU A 330 12.76 -2.38 14.38
CA GLU A 330 12.58 -3.69 15.05
C GLU A 330 12.51 -4.80 13.99
N PRO A 331 11.70 -4.69 12.91
CA PRO A 331 11.79 -5.67 11.82
C PRO A 331 13.15 -5.71 11.12
N VAL A 332 13.84 -4.57 10.98
CA VAL A 332 15.19 -4.53 10.37
C VAL A 332 16.12 -5.42 11.20
N LYS A 333 16.11 -5.27 12.52
CA LYS A 333 16.93 -6.11 13.43
C LYS A 333 16.54 -7.56 13.30
N LYS A 334 15.24 -7.88 13.22
CA LYS A 334 14.77 -9.28 13.13
C LYS A 334 15.29 -9.92 11.83
N VAL A 335 15.19 -9.27 10.68
CA VAL A 335 15.64 -9.95 9.41
C VAL A 335 17.15 -10.15 9.43
N LEU A 336 17.94 -9.18 9.93
CA LEU A 336 19.39 -9.33 10.04
C LEU A 336 19.72 -10.52 10.96
N ASP A 337 18.95 -10.70 12.03
CA ASP A 337 19.11 -11.83 12.96
C ASP A 337 18.63 -13.15 12.32
N ASP A 338 17.50 -13.15 11.61
CA ASP A 338 16.98 -14.35 10.93
C ASP A 338 18.02 -14.81 9.89
N ALA A 339 18.64 -13.89 9.16
CA ALA A 339 19.59 -14.20 8.06
C ALA A 339 20.97 -14.48 8.64
N LYS A 340 21.13 -14.31 9.94
CA LYS A 340 22.44 -14.32 10.64
C LYS A 340 23.41 -13.36 9.94
N TYR A 341 22.94 -12.18 9.61
CA TYR A 341 23.73 -11.09 8.99
C TYR A 341 24.17 -10.05 10.03
N GLU A 342 25.30 -9.42 9.78
CA GLU A 342 25.69 -8.15 10.42
C GLU A 342 25.29 -7.00 9.51
N LYS A 343 25.14 -5.80 10.06
CA LYS A 343 24.68 -4.62 9.29
C LYS A 343 25.61 -4.45 8.11
N SER A 344 26.92 -4.67 8.32
CA SER A 344 28.02 -4.47 7.32
C SER A 344 27.76 -5.26 6.03
N LYS A 345 27.17 -6.45 6.17
CA LYS A 345 26.91 -7.42 5.06
C LYS A 345 25.93 -6.81 4.08
N ILE A 346 25.02 -5.92 4.52
CA ILE A 346 24.10 -5.30 3.54
C ILE A 346 24.92 -4.42 2.64
N ASP A 347 24.79 -4.60 1.31
CA ASP A 347 25.56 -3.87 0.28
C ASP A 347 24.79 -2.61 -0.09
N GLU A 348 23.45 -2.67 -0.20
CA GLU A 348 22.64 -1.47 -0.51
C GLU A 348 21.24 -1.59 0.10
N ILE A 349 20.62 -0.42 0.26
CA ILE A 349 19.29 -0.29 0.94
C ILE A 349 18.38 0.28 -0.11
N VAL A 350 17.30 -0.37 -0.36
CA VAL A 350 16.39 0.16 -1.37
C VAL A 350 15.11 0.48 -0.60
N LEU A 351 14.58 1.68 -0.83
CA LEU A 351 13.38 2.22 -0.17
C LEU A 351 12.29 2.02 -1.16
N VAL A 352 11.14 1.57 -0.68
CA VAL A 352 9.90 1.39 -1.45
C VAL A 352 8.76 1.96 -0.60
N GLY A 353 7.77 2.52 -1.24
CA GLY A 353 6.57 3.09 -0.62
C GLY A 353 6.77 4.58 -0.36
N GLY A 354 5.70 5.33 -0.57
CA GLY A 354 5.65 6.80 -0.46
C GLY A 354 6.15 7.33 0.88
N SER A 355 5.99 6.55 1.94
CA SER A 355 6.33 6.98 3.31
C SER A 355 7.86 7.04 3.46
N THR A 356 8.63 6.38 2.59
CA THR A 356 10.11 6.44 2.68
C THR A 356 10.57 7.84 2.22
N ARG A 357 9.67 8.65 1.69
CA ARG A 357 10.02 10.07 1.32
C ARG A 357 10.13 10.96 2.56
N ILE A 358 9.71 10.48 3.74
CA ILE A 358 9.78 11.28 4.99
C ILE A 358 11.25 11.43 5.37
N PRO A 359 11.80 12.67 5.50
CA PRO A 359 13.22 12.80 5.80
C PRO A 359 13.69 12.00 7.00
N LYS A 360 12.91 12.03 8.10
CA LYS A 360 13.29 11.41 9.36
C LYS A 360 13.41 9.90 9.16
N ILE A 361 12.58 9.31 8.28
CA ILE A 361 12.68 7.83 8.07
C ILE A 361 14.06 7.50 7.46
N GLN A 362 14.39 8.22 6.43
CA GLN A 362 15.70 8.04 5.77
C GLN A 362 16.85 8.23 6.73
N GLN A 363 16.75 9.22 7.62
N GLN A 363 16.76 9.24 7.61
CA GLN A 363 17.83 9.56 8.57
CA GLN A 363 17.80 9.53 8.60
C GLN A 363 17.97 8.41 9.57
C GLN A 363 17.96 8.36 9.54
N ILE A 364 16.85 7.90 10.09
CA ILE A 364 16.84 6.79 11.03
C ILE A 364 17.49 5.54 10.36
N ILE A 365 17.20 5.29 9.10
CA ILE A 365 17.72 4.07 8.40
C ILE A 365 19.27 4.24 8.24
N LYS A 366 19.66 5.34 7.61
CA LYS A 366 21.07 5.77 7.42
C LYS A 366 21.83 5.63 8.72
N GLU A 367 21.27 6.11 9.83
CA GLU A 367 21.95 6.07 11.15
C GLU A 367 22.05 4.64 11.66
N PHE A 368 21.02 3.80 11.51
CA PHE A 368 21.05 2.40 11.99
C PHE A 368 22.20 1.62 11.33
N PHE A 369 22.44 1.92 10.07
CA PHE A 369 23.45 1.29 9.20
C PHE A 369 24.74 2.10 9.37
N ASN A 370 24.99 2.47 10.66
CA ASN A 370 26.24 3.09 11.16
C ASN A 370 26.74 3.93 9.99
N GLY A 371 25.83 4.71 9.41
CA GLY A 371 26.14 5.89 8.58
C GLY A 371 25.89 5.66 7.11
N LYS A 372 25.62 4.44 6.69
CA LYS A 372 25.52 4.10 5.24
C LYS A 372 24.28 4.74 4.60
N GLU A 373 24.40 5.37 3.42
CA GLU A 373 23.24 6.05 2.78
C GLU A 373 22.33 5.00 2.19
N PRO A 374 20.98 5.08 2.39
CA PRO A 374 20.00 4.25 1.68
C PRO A 374 19.87 4.67 0.23
N ASN A 375 19.83 3.69 -0.69
CA ASN A 375 19.43 3.93 -2.10
C ASN A 375 17.93 4.17 -2.02
N ARG A 376 17.42 4.99 -2.91
CA ARG A 376 15.98 5.38 -3.00
C ARG A 376 15.76 5.81 -4.43
N GLY A 377 14.50 5.81 -4.84
CA GLY A 377 14.00 6.35 -6.12
C GLY A 377 13.33 7.66 -5.95
N ILE A 378 12.61 8.12 -6.98
CA ILE A 378 11.81 9.37 -7.03
C ILE A 378 10.29 9.10 -6.89
N ASN A 379 9.80 7.95 -7.40
CA ASN A 379 8.37 7.61 -7.35
C ASN A 379 8.26 6.24 -6.66
N PRO A 380 8.52 6.19 -5.36
CA PRO A 380 8.65 4.91 -4.66
C PRO A 380 7.34 4.11 -4.56
N ASP A 381 6.20 4.74 -4.81
CA ASP A 381 4.91 4.00 -4.83
C ASP A 381 4.72 3.30 -6.19
N GLU A 382 5.48 3.68 -7.21
CA GLU A 382 5.38 3.08 -8.56
C GLU A 382 6.48 2.06 -8.83
N ALA A 383 7.52 1.96 -8.00
CA ALA A 383 8.69 1.10 -8.26
C ALA A 383 8.27 -0.37 -8.44
N VAL A 384 7.39 -0.90 -7.58
CA VAL A 384 6.92 -2.30 -7.69
C VAL A 384 6.20 -2.58 -9.01
N ALA A 385 5.25 -1.76 -9.41
CA ALA A 385 4.55 -1.96 -10.69
C ALA A 385 5.58 -1.82 -11.81
N TYR A 386 6.45 -0.83 -11.71
CA TYR A 386 7.50 -0.64 -12.75
C TYR A 386 8.29 -1.93 -12.89
N GLY A 387 8.70 -2.55 -11.80
CA GLY A 387 9.46 -3.80 -11.88
C GLY A 387 8.64 -4.96 -12.39
N ALA A 388 7.35 -4.98 -12.07
CA ALA A 388 6.45 -6.01 -12.63
C ALA A 388 6.35 -5.90 -14.16
N ALA A 389 6.28 -4.66 -14.66
CA ALA A 389 6.25 -4.41 -16.12
C ALA A 389 7.59 -4.82 -16.74
N ILE A 390 8.71 -4.57 -16.05
CA ILE A 390 10.02 -5.05 -16.55
C ILE A 390 9.94 -6.59 -16.65
N GLN A 391 9.52 -7.25 -15.57
CA GLN A 391 9.37 -8.73 -15.55
C GLN A 391 8.52 -9.18 -16.74
N ALA A 392 7.39 -8.54 -17.01
CA ALA A 392 6.53 -8.81 -18.20
C ALA A 392 7.40 -8.78 -19.49
N GLY A 393 8.21 -7.73 -19.64
CA GLY A 393 9.16 -7.56 -20.77
C GLY A 393 10.18 -8.67 -20.82
N ILE A 394 10.68 -9.13 -19.70
CA ILE A 394 11.73 -10.15 -19.64
C ILE A 394 11.12 -11.46 -20.14
N ILE A 395 9.89 -11.73 -19.71
CA ILE A 395 9.13 -12.94 -20.13
C ILE A 395 8.82 -12.88 -21.62
N LEU A 396 8.48 -11.74 -22.19
CA LEU A 396 8.22 -11.71 -23.66
C LEU A 396 9.53 -11.82 -24.48
N GLY A 397 10.71 -11.45 -23.94
CA GLY A 397 12.01 -11.45 -24.66
C GLY A 397 12.02 -10.47 -25.83
N1 Q3V B . 5.75 12.47 2.04
C7 Q3V B . 3.44 9.50 -0.40
C8 Q3V B . 4.59 11.09 0.48
N2 Q3V B . 4.52 10.51 2.85
C9 Q3V B . 2.57 8.35 1.73
O1 Q3V B . 0.97 6.13 -0.63
C1 Q3V B . 8.19 14.90 -1.80
C5 Q3V B . 5.31 11.56 2.96
C6 Q3V B . 4.14 10.31 1.57
N3 Q3V B . 3.39 9.34 1.02
C4 Q3V B . 5.35 12.25 0.77
O4 Q3V B . 9.73 14.12 -3.15
C3 Q3V B . 6.33 14.35 -0.17
O3 Q3V B . 0.72 9.59 2.42
C2 Q3V B . 7.72 14.27 -0.78
N4 Q3V B . 4.19 10.54 -0.69
C10 Q3V B . 1.81 6.23 1.51
C11 Q3V B . 1.64 5.31 0.27
C12 Q3V B . 0.61 7.11 1.91
C13 Q3V B . 1.09 8.55 1.54
C14 Q3V B . 9.74 14.79 -1.99
C Q3V B . 7.47 15.76 -2.68
N Q3V B . 5.65 13.09 -0.28
O2 Q3V B . 0.50 7.05 3.32
O Q3V B . 2.87 7.09 1.16
S SO4 C . 0.59 -0.41 1.34
O1 SO4 C . -0.31 -1.15 0.48
O2 SO4 C . 1.94 -0.73 1.05
O3 SO4 C . 0.36 1.02 1.01
O4 SO4 C . 0.39 -0.70 2.74
#